data_3QOM
#
_entry.id   3QOM
#
_cell.length_a   150.647
_cell.length_b   150.647
_cell.length_c   95.900
_cell.angle_alpha   90.00
_cell.angle_beta   90.00
_cell.angle_gamma   120.00
#
_symmetry.space_group_name_H-M   'P 6 2 2'
#
loop_
_entity.id
_entity.type
_entity.pdbx_description
1 polymer 6-phospho-beta-glucosidase
2 non-polymer beta-D-glucopyranose
3 non-polymer 'PHOSPHATE ION'
4 non-polymer 'ACETATE ION'
5 water water
#
_entity_poly.entity_id   1
_entity_poly.type   'polypeptide(L)'
_entity_poly.pdbx_seq_one_letter_code
;SNA(MSE)TIKGRAFPEGFLWGGAVAAHQLEGGYKEGGKGLSTADI(MSE)TLGTNERPREITDGVVAGKYYPNHQAIDF
YHRYPEDIELFAE(MSE)GFKCFRTSIAWTRIFPNGDESEPNEAGLQFYDDLFDECLKNGIQPVVTLAHFE(MSE)PYHL
VKQYGGWRNRKLIQFYLNFAKVCFERYRDKVTYW(MSE)TFNEINNQTNFESDGA(MSE)LTDSGIIHQPGENRERW
(MSE)YQAAHYELVASAAAVQLGHQINPDFQIGC(MSE)IA(MSE)CPIYPLTAAPADVLFAQRA(MSE)QTRFYFADVH
CNGTYPQWLRNRFESEHFNLDITAEDLKILQAGTVDYIGFSYY(MSE)SFTVKDTGKLAYNEEHDLVKNPYVKASDWGWQ
VDPVGLRYA(MSE)NWFTDRYHLPLFIVENGLGAIDKKTADNQIHDDYRIDYLTDHLRQIKLAVLEDGVDLIGYTPWGCI
DLVAASTGQ(MSE)SKRYGFIYVDENDDGSGSLKRYKKDSFTWFQHVIATNGAEIE
;
_entity_poly.pdbx_strand_id   A
#
loop_
_chem_comp.id
_chem_comp.type
_chem_comp.name
_chem_comp.formula
ACT non-polymer 'ACETATE ION' 'C2 H3 O2 -1'
BGC D-saccharide, beta linking beta-D-glucopyranose 'C6 H12 O6'
PO4 non-polymer 'PHOSPHATE ION' 'O4 P -3'
#
# COMPACT_ATOMS: atom_id res chain seq x y z
N ALA A 3 -34.33 -3.89 -12.91
CA ALA A 3 -33.04 -3.69 -13.64
C ALA A 3 -32.67 -2.20 -13.81
N MSE A 4 -32.60 -1.44 -12.73
CA MSE A 4 -32.41 0.01 -12.84
C MSE A 4 -30.96 0.41 -13.10
O MSE A 4 -30.03 -0.13 -12.51
CB MSE A 4 -32.90 0.71 -11.57
CG MSE A 4 -34.37 0.47 -11.31
SE MSE A 4 -35.52 1.55 -12.47
CE MSE A 4 -35.42 3.28 -11.53
N THR A 5 -30.77 1.39 -13.99
CA THR A 5 -29.42 1.84 -14.31
C THR A 5 -28.74 2.47 -13.08
N ILE A 6 -27.41 2.33 -12.99
CA ILE A 6 -26.67 3.10 -11.99
C ILE A 6 -26.26 4.46 -12.53
N LYS A 7 -26.46 4.71 -13.82
CA LYS A 7 -26.17 6.03 -14.38
C LYS A 7 -27.10 7.04 -13.76
N GLY A 8 -26.52 8.16 -13.32
CA GLY A 8 -27.28 9.20 -12.71
C GLY A 8 -27.40 9.11 -11.20
N ARG A 9 -26.92 8.01 -10.63
N ARG A 9 -26.99 7.96 -10.64
CA ARG A 9 -26.92 7.84 -9.19
CA ARG A 9 -26.96 7.75 -9.19
C ARG A 9 -25.49 8.02 -8.71
C ARG A 9 -25.52 8.01 -8.72
N ALA A 10 -25.33 8.87 -7.71
CA ALA A 10 -24.02 9.19 -7.16
C ALA A 10 -23.57 8.19 -6.08
N PHE A 11 -22.28 8.25 -5.79
CA PHE A 11 -21.76 7.63 -4.59
C PHE A 11 -22.40 8.33 -3.38
N PRO A 12 -22.20 7.74 -2.21
CA PRO A 12 -22.77 8.36 -1.02
C PRO A 12 -22.22 9.74 -0.73
N GLU A 13 -23.01 10.56 -0.04
CA GLU A 13 -22.50 11.84 0.45
C GLU A 13 -21.37 11.62 1.47
N GLY A 14 -20.37 12.49 1.44
CA GLY A 14 -19.24 12.41 2.36
C GLY A 14 -18.12 11.45 1.90
N PHE A 15 -18.22 11.01 0.66
CA PHE A 15 -17.28 10.07 0.08
C PHE A 15 -15.92 10.72 -0.15
N LEU A 16 -14.84 10.03 0.26
CA LEU A 16 -13.48 10.61 0.13
C LEU A 16 -12.78 10.20 -1.14
N TRP A 17 -12.89 11.05 -2.16
CA TRP A 17 -12.08 10.95 -3.35
C TRP A 17 -10.71 11.54 -3.08
N GLY A 18 -9.68 10.94 -3.63
CA GLY A 18 -8.34 11.52 -3.52
C GLY A 18 -7.34 10.77 -4.34
N GLY A 19 -6.07 10.84 -3.91
CA GLY A 19 -4.99 10.17 -4.59
C GLY A 19 -4.05 9.64 -3.54
N ALA A 20 -3.28 8.61 -3.91
CA ALA A 20 -2.35 7.93 -2.98
C ALA A 20 -0.94 7.84 -3.50
N VAL A 21 0.00 8.00 -2.56
CA VAL A 21 1.41 7.86 -2.82
C VAL A 21 2.06 7.27 -1.57
N ALA A 22 3.39 7.09 -1.60
CA ALA A 22 4.18 6.78 -0.43
C ALA A 22 5.38 7.70 -0.42
N ALA A 23 5.80 8.12 0.79
CA ALA A 23 6.90 9.08 0.92
C ALA A 23 8.11 8.71 0.08
N HIS A 24 8.60 7.49 0.22
CA HIS A 24 9.86 7.12 -0.42
C HIS A 24 9.74 7.09 -1.95
N GLN A 25 8.52 6.96 -2.49
CA GLN A 25 8.38 6.88 -3.94
C GLN A 25 8.34 8.26 -4.64
N LEU A 26 8.09 9.33 -3.89
CA LEU A 26 8.00 10.64 -4.52
C LEU A 26 8.81 11.77 -3.88
N GLU A 27 9.09 11.70 -2.58
CA GLU A 27 9.70 12.85 -1.90
C GLU A 27 11.08 13.24 -2.41
N GLY A 28 11.93 12.26 -2.60
CA GLY A 28 13.34 12.56 -2.71
C GLY A 28 13.83 13.17 -1.41
N GLY A 29 14.83 14.04 -1.50
CA GLY A 29 15.39 14.59 -0.28
C GLY A 29 15.78 13.54 0.72
N TYR A 30 16.42 12.46 0.26
CA TYR A 30 16.57 11.28 1.11
C TYR A 30 17.51 11.44 2.30
N LYS A 31 18.34 12.51 2.29
CA LYS A 31 19.15 12.87 3.45
C LYS A 31 18.89 14.26 3.96
N GLU A 32 17.84 14.92 3.48
CA GLU A 32 17.55 16.26 3.94
C GLU A 32 16.96 16.24 5.35
N GLY A 33 17.17 17.31 6.09
CA GLY A 33 16.55 17.45 7.41
C GLY A 33 16.95 16.40 8.40
N GLY A 34 18.12 15.81 8.24
CA GLY A 34 18.55 14.80 9.17
C GLY A 34 17.97 13.41 8.94
N LYS A 35 17.30 13.21 7.80
CA LYS A 35 16.67 11.91 7.51
C LYS A 35 17.70 10.81 7.51
N GLY A 36 17.32 9.67 8.08
CA GLY A 36 18.15 8.48 8.04
C GLY A 36 18.00 7.67 6.76
N LEU A 37 18.96 6.77 6.55
CA LEU A 37 18.87 5.86 5.42
C LEU A 37 17.77 4.82 5.65
N SER A 38 16.89 4.66 4.68
CA SER A 38 15.79 3.67 4.81
C SER A 38 16.05 2.45 3.93
N THR A 39 15.21 1.44 4.09
CA THR A 39 15.28 0.29 3.22
C THR A 39 14.93 0.61 1.76
N ALA A 40 14.21 1.70 1.50
CA ALA A 40 13.95 2.10 0.11
C ALA A 40 15.22 2.66 -0.56
N ASP A 41 16.13 3.22 0.25
CA ASP A 41 17.28 3.92 -0.27
C ASP A 41 18.44 3.01 -0.64
N ILE A 42 18.25 1.69 -0.48
CA ILE A 42 19.28 0.70 -0.84
C ILE A 42 18.84 -0.21 -2.00
N MSE A 43 17.80 0.20 -2.71
CA MSE A 43 17.25 -0.59 -3.83
C MSE A 43 17.55 0.11 -5.15
O MSE A 43 17.13 1.25 -5.39
CB MSE A 43 15.73 -0.82 -3.65
CG MSE A 43 15.34 -1.56 -2.36
SE MSE A 43 13.47 -1.83 -2.18
CE MSE A 43 13.53 -3.36 -3.27
N THR A 44 18.30 -0.56 -6.03
CA THR A 44 18.71 0.03 -7.29
C THR A 44 17.62 -0.08 -8.34
N LEU A 45 17.87 0.48 -9.51
CA LEU A 45 16.97 0.42 -10.66
C LEU A 45 16.95 -1.00 -11.28
N GLY A 46 15.75 -1.51 -11.55
CA GLY A 46 15.56 -2.75 -12.24
C GLY A 46 14.60 -2.61 -13.41
N THR A 47 14.13 -3.75 -13.92
CA THR A 47 13.11 -3.82 -14.97
C THR A 47 12.16 -4.96 -14.68
N ASN A 48 11.16 -5.18 -15.55
CA ASN A 48 10.26 -6.31 -15.37
C ASN A 48 11.02 -7.62 -15.43
N GLU A 49 12.17 -7.62 -16.10
CA GLU A 49 12.98 -8.82 -16.26
C GLU A 49 14.18 -8.93 -15.32
N ARG A 50 14.66 -7.80 -14.80
CA ARG A 50 15.84 -7.75 -13.97
C ARG A 50 15.52 -7.15 -12.61
N PRO A 51 15.65 -7.94 -11.53
CA PRO A 51 15.25 -7.42 -10.23
C PRO A 51 16.10 -6.25 -9.77
N ARG A 52 15.46 -5.36 -9.00
CA ARG A 52 16.23 -4.35 -8.27
C ARG A 52 17.26 -5.05 -7.41
N GLU A 53 18.45 -4.47 -7.29
N GLU A 53 18.46 -4.48 -7.30
CA GLU A 53 19.46 -5.01 -6.36
CA GLU A 53 19.46 -5.00 -6.36
C GLU A 53 19.28 -4.36 -5.00
C GLU A 53 19.17 -4.38 -4.99
N ILE A 54 19.35 -5.17 -3.94
CA ILE A 54 19.31 -4.70 -2.56
C ILE A 54 20.76 -4.68 -2.09
N THR A 55 21.29 -3.47 -1.85
CA THR A 55 22.70 -3.33 -1.52
C THR A 55 22.91 -3.06 -0.04
N ASP A 56 24.12 -3.34 0.47
CA ASP A 56 24.40 -3.10 1.88
C ASP A 56 24.77 -1.65 2.07
N GLY A 57 23.75 -0.82 2.24
CA GLY A 57 23.94 0.62 2.24
C GLY A 57 24.11 1.11 0.84
N VAL A 58 24.46 2.37 0.74
CA VAL A 58 24.64 3.01 -0.56
C VAL A 58 26.00 2.66 -1.16
N VAL A 59 26.00 2.15 -2.38
CA VAL A 59 27.24 1.78 -3.09
C VAL A 59 27.55 2.87 -4.12
N ALA A 60 28.81 3.29 -4.19
CA ALA A 60 29.23 4.33 -5.08
C ALA A 60 28.93 3.92 -6.50
N GLY A 61 28.44 4.89 -7.26
CA GLY A 61 28.28 4.70 -8.68
C GLY A 61 26.97 4.12 -9.15
N LYS A 62 26.20 3.52 -8.24
CA LYS A 62 24.91 2.91 -8.58
C LYS A 62 23.82 3.95 -8.49
N TYR A 63 22.81 3.83 -9.33
CA TYR A 63 21.67 4.73 -9.31
C TYR A 63 20.54 4.17 -8.43
N TYR A 64 20.17 4.97 -7.43
CA TYR A 64 19.08 4.65 -6.55
C TYR A 64 17.93 5.62 -6.81
N PRO A 65 16.90 5.18 -7.51
CA PRO A 65 15.79 6.06 -7.90
C PRO A 65 15.09 6.77 -6.74
N ASN A 66 15.10 6.19 -5.55
CA ASN A 66 14.40 6.80 -4.42
C ASN A 66 15.18 7.94 -3.76
N HIS A 67 16.45 8.12 -4.10
CA HIS A 67 17.21 9.18 -3.43
C HIS A 67 16.66 10.59 -3.74
N GLN A 68 16.39 10.83 -5.02
CA GLN A 68 15.83 12.09 -5.47
C GLN A 68 14.36 11.99 -5.94
N ALA A 69 13.91 10.79 -6.32
CA ALA A 69 12.54 10.52 -6.80
C ALA A 69 12.08 11.63 -7.71
N ILE A 70 10.93 12.26 -7.44
CA ILE A 70 10.47 13.40 -8.23
C ILE A 70 10.56 14.75 -7.47
N ASP A 71 11.31 14.74 -6.36
CA ASP A 71 11.57 15.96 -5.59
C ASP A 71 10.32 16.62 -5.01
N PHE A 72 9.34 15.82 -4.65
CA PHE A 72 8.17 16.36 -3.98
C PHE A 72 8.52 17.00 -2.61
N TYR A 73 9.65 16.61 -2.02
CA TYR A 73 10.10 17.23 -0.76
C TYR A 73 10.22 18.76 -0.91
N HIS A 74 10.64 19.21 -2.10
CA HIS A 74 10.67 20.64 -2.38
C HIS A 74 9.47 21.17 -3.16
N ARG A 75 8.88 20.31 -4.00
CA ARG A 75 7.88 20.76 -4.99
C ARG A 75 6.43 20.55 -4.53
N TYR A 76 6.22 20.06 -3.31
CA TYR A 76 4.86 19.80 -2.85
C TYR A 76 3.86 20.96 -2.96
N PRO A 77 4.28 22.23 -2.76
CA PRO A 77 3.25 23.26 -2.90
C PRO A 77 2.61 23.29 -4.27
N GLU A 78 3.41 23.14 -5.31
CA GLU A 78 2.90 23.16 -6.66
C GLU A 78 2.18 21.86 -7.05
N ASP A 79 2.64 20.74 -6.53
CA ASP A 79 1.93 19.47 -6.77
C ASP A 79 0.57 19.45 -6.07
N ILE A 80 0.52 19.96 -4.85
CA ILE A 80 -0.74 20.04 -4.11
C ILE A 80 -1.72 20.97 -4.82
N GLU A 81 -1.24 22.07 -5.41
N GLU A 81 -1.23 22.04 -5.42
CA GLU A 81 -2.13 22.91 -6.22
CA GLU A 81 -2.08 22.89 -6.22
C GLU A 81 -2.81 22.09 -7.33
C GLU A 81 -2.78 22.11 -7.34
N LEU A 82 -2.07 21.17 -7.95
CA LEU A 82 -2.66 20.32 -8.97
C LEU A 82 -3.70 19.36 -8.39
N PHE A 83 -3.41 18.79 -7.23
CA PHE A 83 -4.39 17.92 -6.57
C PHE A 83 -5.66 18.67 -6.25
N ALA A 84 -5.53 19.91 -5.79
CA ALA A 84 -6.68 20.73 -5.44
C ALA A 84 -7.46 21.11 -6.69
N GLU A 85 -6.77 21.31 -7.80
CA GLU A 85 -7.45 21.59 -9.08
C GLU A 85 -8.30 20.40 -9.52
N MSE A 86 -7.78 19.19 -9.32
CA MSE A 86 -8.57 17.98 -9.61
C MSE A 86 -9.76 17.85 -8.66
O MSE A 86 -10.75 17.20 -8.97
CB MSE A 86 -7.73 16.71 -9.53
CG MSE A 86 -7.34 16.19 -10.85
SE MSE A 86 -6.41 14.47 -10.80
CE MSE A 86 -4.82 15.04 -9.83
N GLY A 87 -9.65 18.44 -7.48
CA GLY A 87 -10.71 18.40 -6.48
C GLY A 87 -10.58 17.33 -5.41
N PHE A 88 -9.37 16.82 -5.15
CA PHE A 88 -9.20 15.85 -4.10
C PHE A 88 -9.81 16.32 -2.78
N LYS A 89 -10.44 15.39 -2.09
CA LYS A 89 -10.94 15.55 -0.73
C LYS A 89 -9.90 15.08 0.28
N CYS A 90 -9.02 14.18 -0.16
CA CYS A 90 -8.00 13.62 0.72
C CYS A 90 -6.73 13.31 -0.09
N PHE A 91 -5.63 13.15 0.63
CA PHE A 91 -4.34 12.79 0.04
C PHE A 91 -3.74 11.74 0.95
N ARG A 92 -3.52 10.53 0.39
CA ARG A 92 -3.07 9.38 1.16
C ARG A 92 -1.59 9.26 0.93
N THR A 93 -0.83 9.45 2.00
CA THR A 93 0.64 9.30 1.93
C THR A 93 1.15 8.67 3.21
N SER A 94 2.46 8.44 3.29
CA SER A 94 3.08 7.92 4.47
C SER A 94 3.90 8.99 5.14
N ILE A 95 4.09 8.84 6.43
CA ILE A 95 5.08 9.63 7.16
C ILE A 95 6.35 8.81 7.15
N ALA A 96 7.41 9.33 6.54
CA ALA A 96 8.66 8.60 6.45
C ALA A 96 9.25 8.29 7.81
N TRP A 97 9.29 7.02 8.18
CA TRP A 97 9.80 6.63 9.48
C TRP A 97 11.21 7.24 9.72
N THR A 98 12.05 7.25 8.69
CA THR A 98 13.42 7.73 8.83
C THR A 98 13.51 9.26 8.91
N ARG A 99 12.43 10.00 8.62
CA ARG A 99 12.48 11.43 8.91
C ARG A 99 12.21 11.71 10.41
N ILE A 100 11.55 10.77 11.09
CA ILE A 100 11.13 10.99 12.46
C ILE A 100 12.09 10.32 13.45
N PHE A 101 12.50 9.09 13.12
CA PHE A 101 13.48 8.30 13.88
C PHE A 101 14.50 7.77 12.87
N PRO A 102 15.53 8.57 12.58
CA PRO A 102 16.46 8.24 11.50
C PRO A 102 17.08 6.85 11.59
N ASN A 103 17.48 6.46 12.80
CA ASN A 103 18.01 5.10 13.03
C ASN A 103 17.01 4.12 13.60
N GLY A 104 15.93 4.65 14.18
CA GLY A 104 14.84 3.84 14.65
C GLY A 104 14.78 3.65 16.15
N ASP A 105 15.94 3.70 16.81
CA ASP A 105 16.04 3.40 18.21
C ASP A 105 16.38 4.61 19.07
N GLU A 106 16.21 5.81 18.53
CA GLU A 106 16.41 7.04 19.33
C GLU A 106 15.37 7.20 20.44
N SER A 107 15.76 7.95 21.47
N SER A 107 15.74 7.93 21.49
CA SER A 107 14.92 8.24 22.62
CA SER A 107 14.81 8.19 22.58
C SER A 107 14.05 9.50 22.43
C SER A 107 13.94 9.42 22.35
N GLU A 108 14.26 10.20 21.32
CA GLU A 108 13.51 11.42 21.00
C GLU A 108 13.42 11.54 19.49
N PRO A 109 12.32 12.11 18.98
CA PRO A 109 12.17 12.26 17.52
C PRO A 109 12.96 13.43 16.94
N ASN A 110 13.02 13.42 15.62
N ASN A 110 13.02 13.45 15.61
CA ASN A 110 13.70 14.45 14.86
CA ASN A 110 13.75 14.45 14.82
C ASN A 110 12.74 15.58 14.53
C ASN A 110 12.82 15.60 14.45
N GLU A 111 13.01 16.75 15.10
CA GLU A 111 12.12 17.90 14.94
C GLU A 111 12.01 18.37 13.49
N ALA A 112 13.09 18.37 12.72
CA ALA A 112 12.99 18.80 11.33
C ALA A 112 12.08 17.91 10.51
N GLY A 113 12.07 16.61 10.82
CA GLY A 113 11.15 15.69 10.16
C GLY A 113 9.71 15.94 10.53
N LEU A 114 9.47 16.17 11.83
CA LEU A 114 8.12 16.50 12.26
C LEU A 114 7.63 17.80 11.65
N GLN A 115 8.52 18.78 11.51
CA GLN A 115 8.15 20.05 10.90
C GLN A 115 7.83 19.91 9.43
N PHE A 116 8.55 19.03 8.73
CA PHE A 116 8.23 18.80 7.33
C PHE A 116 6.80 18.35 7.16
N TYR A 117 6.37 17.37 7.95
CA TYR A 117 4.97 16.89 7.82
C TYR A 117 3.98 17.92 8.33
N ASP A 118 4.32 18.73 9.32
CA ASP A 118 3.42 19.86 9.65
C ASP A 118 3.24 20.74 8.40
N ASP A 119 4.34 21.06 7.73
CA ASP A 119 4.28 21.93 6.55
C ASP A 119 3.47 21.28 5.41
N LEU A 120 3.69 19.99 5.20
CA LEU A 120 3.00 19.28 4.12
C LEU A 120 1.50 19.18 4.42
N PHE A 121 1.17 18.77 5.63
CA PHE A 121 -0.23 18.61 5.98
C PHE A 121 -0.95 19.96 5.99
N ASP A 122 -0.25 21.01 6.45
CA ASP A 122 -0.84 22.35 6.43
C ASP A 122 -1.14 22.79 5.00
N GLU A 123 -0.27 22.48 4.08
CA GLU A 123 -0.48 22.81 2.69
C GLU A 123 -1.70 22.08 2.12
N CYS A 124 -1.84 20.82 2.47
CA CYS A 124 -3.06 20.09 2.12
C CYS A 124 -4.30 20.77 2.70
N LEU A 125 -4.27 21.02 4.00
CA LEU A 125 -5.49 21.52 4.69
C LEU A 125 -5.87 22.93 4.27
N LYS A 126 -4.89 23.73 3.84
CA LYS A 126 -5.18 25.06 3.36
C LYS A 126 -5.99 25.00 2.07
N ASN A 127 -5.84 23.90 1.36
CA ASN A 127 -6.56 23.62 0.11
C ASN A 127 -7.78 22.69 0.27
N GLY A 128 -8.18 22.45 1.53
CA GLY A 128 -9.31 21.58 1.84
C GLY A 128 -9.12 20.10 1.60
N ILE A 129 -7.88 19.67 1.64
CA ILE A 129 -7.51 18.27 1.41
C ILE A 129 -7.08 17.65 2.73
N GLN A 130 -7.74 16.55 3.17
CA GLN A 130 -7.34 15.94 4.44
C GLN A 130 -6.27 14.88 4.20
N PRO A 131 -5.17 14.94 4.97
CA PRO A 131 -4.21 13.85 4.85
C PRO A 131 -4.73 12.57 5.46
N VAL A 132 -4.39 11.46 4.81
CA VAL A 132 -4.72 10.11 5.25
C VAL A 132 -3.36 9.42 5.35
N VAL A 133 -3.00 8.93 6.53
CA VAL A 133 -1.59 8.56 6.79
C VAL A 133 -1.35 7.08 7.07
N THR A 134 -0.39 6.51 6.36
CA THR A 134 0.10 5.16 6.65
C THR A 134 1.43 5.32 7.38
N LEU A 135 1.60 4.63 8.50
CA LEU A 135 2.79 4.77 9.32
C LEU A 135 3.98 3.99 8.76
N ALA A 136 3.81 2.70 8.48
CA ALA A 136 4.87 1.88 7.88
C ALA A 136 4.53 1.63 6.42
N HIS A 137 5.37 2.10 5.51
CA HIS A 137 5.15 1.97 4.05
C HIS A 137 6.50 1.75 3.35
N PHE A 138 7.11 0.59 3.64
CA PHE A 138 8.24 0.07 2.88
C PHE A 138 9.46 0.98 2.96
N GLU A 139 9.66 1.63 4.09
CA GLU A 139 10.74 2.62 4.21
C GLU A 139 11.26 2.70 5.68
N MSE A 140 11.38 1.55 6.33
CA MSE A 140 11.87 1.55 7.70
C MSE A 140 13.37 1.89 7.75
O MSE A 140 14.08 1.73 6.77
CB MSE A 140 11.61 0.18 8.35
CG MSE A 140 12.53 -0.92 7.87
SE MSE A 140 11.96 -2.68 8.40
CE MSE A 140 12.81 -2.55 9.95
N PRO A 141 13.87 2.29 8.92
CA PRO A 141 15.31 2.61 9.03
C PRO A 141 16.20 1.38 8.77
N TYR A 142 17.16 1.55 7.88
CA TYR A 142 18.09 0.47 7.60
C TYR A 142 18.91 0.12 8.85
N HIS A 143 19.15 1.07 9.74
CA HIS A 143 19.82 0.71 10.98
C HIS A 143 19.11 -0.39 11.75
N LEU A 144 17.78 -0.43 11.72
CA LEU A 144 17.07 -1.47 12.49
C LEU A 144 17.27 -2.84 11.83
N VAL A 145 17.39 -2.84 10.52
CA VAL A 145 17.69 -4.05 9.77
C VAL A 145 19.07 -4.57 10.17
N LYS A 146 20.08 -3.72 10.06
CA LYS A 146 21.45 -4.15 10.40
C LYS A 146 21.69 -4.53 11.85
N GLN A 147 21.16 -3.71 12.76
CA GLN A 147 21.46 -3.88 14.18
C GLN A 147 20.69 -5.02 14.83
N TYR A 148 19.41 -5.15 14.48
CA TYR A 148 18.50 -6.05 15.18
C TYR A 148 17.98 -7.19 14.34
N GLY A 149 18.27 -7.19 13.04
CA GLY A 149 17.69 -8.18 12.15
C GLY A 149 16.27 -7.84 11.68
N GLY A 150 15.91 -6.58 11.70
CA GLY A 150 14.58 -6.18 11.30
C GLY A 150 13.52 -6.77 12.18
N TRP A 151 12.34 -7.06 11.60
CA TRP A 151 11.23 -7.58 12.36
C TRP A 151 11.38 -9.04 12.76
N ARG A 152 12.55 -9.65 12.54
CA ARG A 152 12.88 -10.87 13.30
C ARG A 152 12.87 -10.65 14.80
N ASN A 153 13.10 -9.38 15.20
CA ASN A 153 13.38 -9.05 16.57
C ASN A 153 12.18 -8.40 17.28
N ARG A 154 11.78 -9.01 18.40
CA ARG A 154 10.66 -8.49 19.20
C ARG A 154 10.83 -7.02 19.58
N LYS A 155 12.09 -6.58 19.73
CA LYS A 155 12.37 -5.19 20.11
C LYS A 155 11.76 -4.19 19.14
N LEU A 156 11.50 -4.57 17.89
CA LEU A 156 10.93 -3.61 16.95
C LEU A 156 9.52 -3.19 17.29
N ILE A 157 8.79 -3.98 18.07
CA ILE A 157 7.43 -3.58 18.45
C ILE A 157 7.51 -2.22 19.14
N GLN A 158 8.36 -2.11 20.17
CA GLN A 158 8.42 -0.85 20.91
C GLN A 158 8.99 0.29 20.08
N PHE A 159 9.95 -0.01 19.21
CA PHE A 159 10.51 1.04 18.37
C PHE A 159 9.40 1.61 17.46
N TYR A 160 8.61 0.73 16.88
CA TYR A 160 7.47 1.16 16.06
C TYR A 160 6.50 1.99 16.86
N LEU A 161 6.19 1.53 18.09
CA LEU A 161 5.26 2.27 18.92
C LEU A 161 5.80 3.65 19.35
N ASN A 162 7.12 3.78 19.51
CA ASN A 162 7.68 5.11 19.81
C ASN A 162 7.39 6.08 18.66
N PHE A 163 7.57 5.60 17.44
CA PHE A 163 7.28 6.34 16.22
C PHE A 163 5.80 6.64 16.11
N ALA A 164 4.94 5.63 16.29
CA ALA A 164 3.50 5.85 16.19
C ALA A 164 3.02 6.91 17.20
N LYS A 165 3.49 6.82 18.43
CA LYS A 165 3.05 7.73 19.46
C LYS A 165 3.38 9.19 19.09
N VAL A 166 4.59 9.43 18.62
CA VAL A 166 5.02 10.75 18.24
C VAL A 166 4.11 11.32 17.14
N CYS A 167 3.82 10.51 16.12
CA CYS A 167 3.01 10.96 15.00
C CYS A 167 1.54 11.22 15.45
N PHE A 168 0.95 10.28 16.19
CA PHE A 168 -0.40 10.44 16.64
C PHE A 168 -0.55 11.77 17.43
N GLU A 169 0.40 12.05 18.32
CA GLU A 169 0.33 13.26 19.14
C GLU A 169 0.56 14.51 18.33
N ARG A 170 1.57 14.49 17.46
CA ARG A 170 1.89 15.70 16.70
C ARG A 170 0.78 16.10 15.74
N TYR A 171 0.14 15.09 15.12
CA TYR A 171 -0.83 15.36 14.07
C TYR A 171 -2.27 15.06 14.52
N ARG A 172 -2.49 15.07 15.83
N ARG A 172 -2.46 15.05 15.83
CA ARG A 172 -3.79 14.70 16.40
CA ARG A 172 -3.75 14.73 16.44
C ARG A 172 -4.96 15.56 15.94
C ARG A 172 -4.92 15.50 15.83
N ASP A 173 -4.70 16.77 15.46
CA ASP A 173 -5.78 17.65 15.01
C ASP A 173 -5.81 17.84 13.51
N LYS A 174 -4.90 17.14 12.82
CA LYS A 174 -4.74 17.24 11.38
C LYS A 174 -5.14 16.00 10.57
N VAL A 175 -5.08 14.84 11.20
CA VAL A 175 -5.27 13.57 10.52
C VAL A 175 -6.33 12.74 11.29
N THR A 176 -7.35 12.26 10.56
CA THR A 176 -8.37 11.41 11.13
C THR A 176 -8.13 9.95 10.81
N TYR A 177 -7.80 9.67 9.54
CA TYR A 177 -7.64 8.30 9.06
C TYR A 177 -6.16 7.92 9.02
N TRP A 178 -5.83 6.81 9.70
CA TRP A 178 -4.50 6.26 9.81
C TRP A 178 -4.53 4.80 9.41
N MSE A 179 -3.40 4.28 8.93
CA MSE A 179 -3.23 2.84 8.75
C MSE A 179 -1.88 2.45 9.33
O MSE A 179 -0.96 3.26 9.32
CB MSE A 179 -3.29 2.46 7.28
CG MSE A 179 -4.72 2.33 6.80
SE MSE A 179 -4.87 2.50 4.84
CE MSE A 179 -4.68 4.40 4.77
N THR A 180 -1.74 1.23 9.84
CA THR A 180 -0.52 0.82 10.55
C THR A 180 0.58 0.29 9.63
N PHE A 181 0.31 -0.77 8.86
CA PHE A 181 1.32 -1.43 8.03
C PHE A 181 0.86 -1.61 6.60
N ASN A 182 1.45 -0.87 5.68
CA ASN A 182 1.08 -1.00 4.28
C ASN A 182 1.24 -2.41 3.76
N GLU A 183 0.22 -2.90 3.04
CA GLU A 183 0.25 -4.21 2.37
C GLU A 183 1.05 -5.20 3.22
N ILE A 184 0.58 -5.41 4.43
CA ILE A 184 1.27 -6.26 5.39
C ILE A 184 1.42 -7.71 4.89
N ASN A 185 0.49 -8.10 4.01
CA ASN A 185 0.42 -9.45 3.50
C ASN A 185 1.19 -9.71 2.20
N ASN A 186 1.96 -8.75 1.70
CA ASN A 186 2.79 -9.05 0.52
C ASN A 186 3.75 -10.22 0.77
N GLN A 187 4.24 -10.28 2.01
CA GLN A 187 5.15 -11.30 2.46
C GLN A 187 4.55 -12.70 2.58
N THR A 188 3.25 -12.83 2.27
CA THR A 188 2.69 -14.17 1.93
C THR A 188 3.65 -14.92 1.00
N ASN A 189 4.21 -14.20 0.03
CA ASN A 189 5.29 -14.74 -0.79
C ASN A 189 6.60 -14.62 -0.02
N PHE A 190 6.86 -15.61 0.82
CA PHE A 190 8.03 -15.57 1.69
C PHE A 190 9.37 -15.81 0.93
N GLU A 191 9.26 -16.22 -0.33
CA GLU A 191 10.41 -16.35 -1.22
C GLU A 191 10.77 -15.06 -1.98
N SER A 192 9.95 -14.02 -1.82
CA SER A 192 10.20 -12.76 -2.49
C SER A 192 11.10 -11.86 -1.68
N ASP A 193 12.31 -11.60 -2.20
CA ASP A 193 13.26 -10.78 -1.47
C ASP A 193 12.69 -9.39 -1.26
N GLY A 194 11.99 -8.89 -2.29
CA GLY A 194 11.39 -7.58 -2.17
C GLY A 194 10.32 -7.50 -1.12
N ALA A 195 9.41 -8.46 -1.07
CA ALA A 195 8.37 -8.46 -0.05
C ALA A 195 8.98 -8.55 1.36
N MSE A 196 9.99 -9.39 1.52
CA MSE A 196 10.58 -9.59 2.83
C MSE A 196 11.29 -8.34 3.33
O MSE A 196 11.22 -8.01 4.51
CB MSE A 196 11.52 -10.80 2.83
CG MSE A 196 10.79 -12.17 2.63
SE MSE A 196 9.28 -12.47 3.70
CE MSE A 196 9.79 -11.96 5.39
N LEU A 197 11.96 -7.61 2.45
CA LEU A 197 12.64 -6.36 2.85
C LEU A 197 11.62 -5.26 3.13
N THR A 198 10.66 -5.08 2.22
CA THR A 198 9.71 -3.96 2.32
C THR A 198 8.75 -4.11 3.49
N ASP A 199 8.16 -5.29 3.65
CA ASP A 199 7.24 -5.51 4.80
C ASP A 199 8.00 -5.59 6.11
N SER A 200 9.16 -6.28 6.11
CA SER A 200 9.69 -6.81 7.38
C SER A 200 11.16 -6.55 7.69
N GLY A 201 11.87 -5.91 6.77
CA GLY A 201 13.28 -5.65 6.97
C GLY A 201 14.13 -6.89 7.02
N ILE A 202 13.67 -7.92 6.32
CA ILE A 202 14.37 -9.22 6.31
C ILE A 202 15.13 -9.39 5.02
N ILE A 203 16.44 -9.52 5.15
CA ILE A 203 17.35 -9.91 4.08
C ILE A 203 17.84 -11.32 4.45
N HIS A 204 17.55 -12.28 3.58
CA HIS A 204 17.74 -13.70 3.87
C HIS A 204 19.15 -13.99 4.29
N GLN A 205 19.29 -14.75 5.36
CA GLN A 205 20.59 -15.27 5.79
C GLN A 205 20.69 -16.75 5.45
N PRO A 206 21.84 -17.18 4.95
CA PRO A 206 21.96 -18.58 4.52
C PRO A 206 21.52 -19.55 5.60
N GLY A 207 20.73 -20.55 5.19
CA GLY A 207 20.26 -21.56 6.12
C GLY A 207 18.93 -21.28 6.79
N GLU A 208 18.49 -20.02 6.78
CA GLU A 208 17.25 -19.64 7.46
C GLU A 208 16.02 -20.24 6.80
N ASN A 209 15.03 -20.57 7.61
CA ASN A 209 13.72 -20.99 7.12
C ASN A 209 12.92 -19.73 6.80
N ARG A 210 12.77 -19.45 5.51
N ARG A 210 12.78 -19.43 5.51
CA ARG A 210 12.14 -18.22 5.04
CA ARG A 210 12.14 -18.20 5.06
C ARG A 210 10.70 -18.08 5.53
C ARG A 210 10.71 -18.08 5.55
N GLU A 211 9.94 -19.15 5.39
CA GLU A 211 8.54 -19.12 5.81
C GLU A 211 8.41 -18.91 7.31
N ARG A 212 9.20 -19.63 8.08
CA ARG A 212 9.17 -19.50 9.53
C ARG A 212 9.40 -18.05 10.00
N TRP A 213 10.45 -17.44 9.45
CA TRP A 213 10.78 -16.10 9.85
C TRP A 213 9.77 -15.07 9.39
N MSE A 214 9.17 -15.29 8.21
CA MSE A 214 8.07 -14.46 7.77
C MSE A 214 6.95 -14.44 8.82
O MSE A 214 6.50 -13.38 9.25
CB MSE A 214 7.56 -14.85 6.38
CG MSE A 214 6.44 -13.95 5.85
SE MSE A 214 4.63 -14.34 6.57
CE MSE A 214 4.35 -15.91 5.52
N TYR A 215 6.52 -15.63 9.27
CA TYR A 215 5.44 -15.67 10.25
C TYR A 215 5.81 -15.04 11.57
N GLN A 216 7.07 -15.17 11.99
CA GLN A 216 7.52 -14.54 13.21
C GLN A 216 7.46 -13.02 13.11
N ALA A 217 7.99 -12.50 12.02
CA ALA A 217 7.98 -11.07 11.77
C ALA A 217 6.57 -10.51 11.65
N ALA A 218 5.72 -11.18 10.86
CA ALA A 218 4.34 -10.76 10.71
C ALA A 218 3.64 -10.77 12.07
N HIS A 219 3.94 -11.75 12.91
CA HIS A 219 3.35 -11.79 14.24
C HIS A 219 3.68 -10.51 15.00
N TYR A 220 4.97 -10.16 15.10
CA TYR A 220 5.37 -8.96 15.80
C TYR A 220 4.72 -7.71 15.20
N GLU A 221 4.63 -7.64 13.88
CA GLU A 221 3.97 -6.51 13.22
C GLU A 221 2.47 -6.43 13.58
N LEU A 222 1.80 -7.58 13.58
CA LEU A 222 0.40 -7.62 13.98
C LEU A 222 0.20 -7.19 15.43
N VAL A 223 1.10 -7.62 16.31
CA VAL A 223 1.05 -7.17 17.69
C VAL A 223 1.28 -5.65 17.77
N ALA A 224 2.29 -5.15 17.05
CA ALA A 224 2.56 -3.71 17.01
C ALA A 224 1.36 -2.93 16.49
N SER A 225 0.72 -3.43 15.44
CA SER A 225 -0.48 -2.79 14.90
C SER A 225 -1.58 -2.69 15.96
N ALA A 226 -1.85 -3.81 16.64
CA ALA A 226 -2.90 -3.85 17.65
C ALA A 226 -2.59 -2.92 18.82
N ALA A 227 -1.32 -2.85 19.22
CA ALA A 227 -0.91 -1.94 20.27
C ALA A 227 -1.06 -0.49 19.82
N ALA A 228 -0.77 -0.24 18.53
CA ALA A 228 -0.91 1.11 17.99
C ALA A 228 -2.36 1.56 17.88
N VAL A 229 -3.27 0.65 17.51
CA VAL A 229 -4.70 0.99 17.48
C VAL A 229 -5.16 1.46 18.86
N GLN A 230 -4.75 0.74 19.91
CA GLN A 230 -5.15 1.11 21.27
C GLN A 230 -4.51 2.44 21.70
N LEU A 231 -3.23 2.60 21.38
CA LEU A 231 -2.50 3.82 21.71
C LEU A 231 -3.09 5.03 21.03
N GLY A 232 -3.36 4.91 19.73
CA GLY A 232 -3.95 5.99 18.97
C GLY A 232 -5.28 6.36 19.51
N HIS A 233 -6.14 5.40 19.82
CA HIS A 233 -7.43 5.74 20.36
C HIS A 233 -7.36 6.43 21.72
N GLN A 234 -6.33 6.12 22.51
CA GLN A 234 -6.12 6.83 23.78
C GLN A 234 -5.77 8.29 23.54
N ILE A 235 -4.95 8.55 22.53
CA ILE A 235 -4.54 9.90 22.19
C ILE A 235 -5.69 10.71 21.58
N ASN A 236 -6.46 10.09 20.69
CA ASN A 236 -7.62 10.75 20.08
C ASN A 236 -8.67 9.72 19.77
N PRO A 237 -9.73 9.64 20.57
CA PRO A 237 -10.73 8.59 20.33
C PRO A 237 -11.48 8.70 19.01
N ASP A 238 -11.35 9.84 18.35
CA ASP A 238 -11.99 10.00 17.05
C ASP A 238 -11.12 9.56 15.86
N PHE A 239 -9.87 9.18 16.12
CA PHE A 239 -9.06 8.59 15.05
C PHE A 239 -9.75 7.33 14.53
N GLN A 240 -9.68 7.13 13.21
CA GLN A 240 -10.07 5.89 12.58
C GLN A 240 -8.78 5.22 12.16
N ILE A 241 -8.50 4.05 12.72
CA ILE A 241 -7.20 3.42 12.54
C ILE A 241 -7.46 2.07 11.88
N GLY A 242 -6.91 1.93 10.68
CA GLY A 242 -7.17 0.77 9.85
C GLY A 242 -5.99 -0.11 9.59
N CYS A 243 -6.25 -1.32 9.10
CA CYS A 243 -5.20 -2.12 8.48
C CYS A 243 -5.06 -1.77 7.00
N MSE A 244 -4.06 -2.36 6.35
CA MSE A 244 -3.88 -2.16 4.92
C MSE A 244 -3.50 -3.51 4.31
O MSE A 244 -2.42 -4.06 4.58
CB MSE A 244 -2.85 -1.07 4.62
CG MSE A 244 -3.03 -0.44 3.27
SE MSE A 244 -2.90 -1.72 1.76
CE MSE A 244 -2.34 -0.52 0.38
N ILE A 245 -4.44 -4.06 3.51
CA ILE A 245 -4.31 -5.38 2.93
C ILE A 245 -4.18 -5.27 1.39
N ALA A 246 -3.22 -6.00 0.82
CA ALA A 246 -3.12 -6.15 -0.62
C ALA A 246 -4.11 -7.22 -1.06
N MSE A 247 -5.21 -6.78 -1.67
CA MSE A 247 -6.28 -7.68 -2.01
C MSE A 247 -6.18 -8.15 -3.44
O MSE A 247 -6.76 -7.57 -4.37
CB MSE A 247 -7.64 -7.00 -1.74
CG MSE A 247 -8.85 -7.76 -2.22
SE MSE A 247 -8.93 -9.70 -2.00
CE MSE A 247 -9.39 -9.87 -0.17
N CYS A 248 -5.44 -9.24 -3.59
CA CYS A 248 -5.42 -10.03 -4.84
C CYS A 248 -6.26 -11.28 -4.57
N PRO A 249 -7.53 -11.31 -5.04
CA PRO A 249 -8.34 -12.50 -4.81
C PRO A 249 -7.77 -13.66 -5.61
N ILE A 250 -8.02 -14.89 -5.16
CA ILE A 250 -7.44 -16.08 -5.74
C ILE A 250 -8.55 -17.03 -6.11
N TYR A 251 -8.67 -17.32 -7.40
CA TYR A 251 -9.76 -18.14 -7.93
C TYR A 251 -9.30 -19.57 -8.16
N PRO A 252 -10.21 -20.53 -8.00
CA PRO A 252 -9.93 -21.89 -8.49
C PRO A 252 -10.04 -21.97 -10.00
N LEU A 253 -9.13 -22.73 -10.61
CA LEU A 253 -9.13 -22.84 -12.05
C LEU A 253 -10.38 -23.51 -12.61
N THR A 254 -10.86 -24.51 -11.88
CA THR A 254 -12.02 -25.29 -12.28
C THR A 254 -12.82 -25.63 -11.04
N ALA A 255 -13.99 -26.25 -11.27
CA ALA A 255 -14.88 -26.74 -10.24
C ALA A 255 -14.45 -28.11 -9.69
N ALA A 256 -13.28 -28.59 -10.06
CA ALA A 256 -12.78 -29.78 -9.40
C ALA A 256 -12.68 -29.51 -7.89
N PRO A 257 -13.25 -30.40 -7.06
CA PRO A 257 -13.23 -30.12 -5.63
C PRO A 257 -11.86 -29.80 -5.06
N ALA A 258 -10.81 -30.46 -5.53
CA ALA A 258 -9.47 -30.15 -5.02
C ALA A 258 -8.98 -28.75 -5.42
N ASP A 259 -9.40 -28.25 -6.58
CA ASP A 259 -9.01 -26.89 -6.99
C ASP A 259 -9.71 -25.89 -6.10
N VAL A 260 -11.00 -26.11 -5.84
CA VAL A 260 -11.77 -25.20 -4.99
C VAL A 260 -11.21 -25.16 -3.58
N LEU A 261 -10.88 -26.31 -2.99
CA LEU A 261 -10.29 -26.30 -1.66
C LEU A 261 -8.92 -25.61 -1.69
N PHE A 262 -8.12 -25.85 -2.74
CA PHE A 262 -6.78 -25.24 -2.79
C PHE A 262 -6.91 -23.71 -2.85
N ALA A 263 -7.87 -23.19 -3.63
CA ALA A 263 -8.06 -21.74 -3.70
C ALA A 263 -8.57 -21.18 -2.38
N GLN A 264 -9.41 -21.93 -1.67
CA GLN A 264 -9.83 -21.49 -0.35
C GLN A 264 -8.64 -21.38 0.59
N ARG A 265 -7.76 -22.39 0.58
CA ARG A 265 -6.58 -22.31 1.43
C ARG A 265 -5.62 -21.21 0.99
N ALA A 266 -5.54 -20.97 -0.31
CA ALA A 266 -4.67 -19.89 -0.80
C ALA A 266 -5.14 -18.53 -0.26
N MSE A 267 -6.45 -18.27 -0.31
CA MSE A 267 -6.96 -17.04 0.28
C MSE A 267 -6.83 -17.03 1.80
O MSE A 267 -6.52 -15.99 2.40
CB MSE A 267 -8.37 -16.72 -0.18
CG MSE A 267 -8.45 -16.25 -1.63
SE MSE A 267 -10.11 -15.57 -2.24
CE MSE A 267 -9.97 -13.80 -1.31
N GLN A 268 -7.01 -18.17 2.47
CA GLN A 268 -6.80 -18.20 3.92
C GLN A 268 -5.35 -17.81 4.25
N THR A 269 -4.41 -18.24 3.39
CA THR A 269 -2.97 -18.02 3.60
C THR A 269 -2.60 -16.56 3.36
N ARG A 270 -3.10 -15.99 2.26
CA ARG A 270 -2.81 -14.61 1.90
C ARG A 270 -3.52 -13.60 2.80
N PHE A 271 -4.63 -14.02 3.42
CA PHE A 271 -5.45 -13.09 4.19
C PHE A 271 -5.60 -13.38 5.68
N TYR A 272 -4.80 -14.31 6.22
CA TYR A 272 -4.86 -14.54 7.65
C TYR A 272 -4.54 -13.26 8.40
N PHE A 273 -3.73 -12.39 7.79
CA PHE A 273 -3.34 -11.11 8.40
C PHE A 273 -4.59 -10.30 8.69
N ALA A 274 -5.52 -10.30 7.73
CA ALA A 274 -6.80 -9.62 7.91
C ALA A 274 -7.64 -10.27 9.00
N ASP A 275 -7.60 -11.60 9.07
CA ASP A 275 -8.30 -12.27 10.16
C ASP A 275 -7.80 -11.79 11.51
N VAL A 276 -6.50 -11.66 11.66
CA VAL A 276 -5.94 -11.18 12.91
C VAL A 276 -6.27 -9.72 13.18
N HIS A 277 -6.09 -8.88 12.18
CA HIS A 277 -6.39 -7.46 12.33
C HIS A 277 -7.87 -7.18 12.70
N CYS A 278 -8.79 -7.99 12.17
CA CYS A 278 -10.22 -7.74 12.27
C CYS A 278 -10.90 -8.58 13.37
N ASN A 279 -10.60 -9.87 13.41
CA ASN A 279 -11.22 -10.74 14.42
C ASN A 279 -10.45 -10.77 15.71
N GLY A 280 -9.16 -10.51 15.65
CA GLY A 280 -8.31 -10.43 16.84
C GLY A 280 -7.68 -11.72 17.27
N THR A 281 -7.88 -12.79 16.49
CA THR A 281 -7.36 -14.10 16.78
C THR A 281 -6.79 -14.76 15.53
N TYR A 282 -5.78 -15.62 15.71
CA TYR A 282 -5.28 -16.46 14.63
C TYR A 282 -6.29 -17.51 14.24
N PRO A 283 -6.39 -17.80 12.94
CA PRO A 283 -7.12 -19.00 12.51
C PRO A 283 -6.47 -20.27 13.05
N GLN A 284 -7.31 -21.23 13.43
CA GLN A 284 -6.75 -22.46 14.02
C GLN A 284 -5.95 -23.28 13.02
N TRP A 285 -6.34 -23.27 11.75
CA TRP A 285 -5.59 -24.05 10.75
C TRP A 285 -4.13 -23.57 10.75
N LEU A 286 -3.93 -22.28 10.97
CA LEU A 286 -2.61 -21.65 10.86
C LEU A 286 -1.83 -21.91 12.14
N ARG A 287 -2.47 -21.81 13.31
CA ARG A 287 -1.79 -22.24 14.54
C ARG A 287 -1.33 -23.71 14.42
N ASN A 288 -2.16 -24.54 13.80
CA ASN A 288 -1.83 -25.94 13.59
C ASN A 288 -0.66 -26.11 12.62
N ARG A 289 -0.60 -25.25 11.59
CA ARG A 289 0.54 -25.23 10.69
C ARG A 289 1.83 -24.91 11.40
N PHE A 290 1.79 -23.92 12.29
CA PHE A 290 3.00 -23.55 13.03
C PHE A 290 3.51 -24.80 13.75
N GLU A 291 2.61 -25.56 14.36
CA GLU A 291 3.00 -26.78 15.09
C GLU A 291 3.53 -27.88 14.14
N SER A 292 2.83 -28.13 13.03
CA SER A 292 3.20 -29.24 12.13
C SER A 292 4.46 -28.94 11.31
N GLU A 293 4.76 -27.65 11.09
CA GLU A 293 5.99 -27.24 10.43
C GLU A 293 7.14 -27.01 11.41
N HIS A 294 6.84 -27.14 12.69
CA HIS A 294 7.83 -27.07 13.77
C HIS A 294 8.51 -25.72 13.87
N PHE A 295 7.73 -24.68 13.66
CA PHE A 295 8.28 -23.33 13.69
C PHE A 295 8.74 -22.84 15.07
N ASN A 296 8.09 -23.27 16.13
CA ASN A 296 8.38 -22.83 17.50
C ASN A 296 8.43 -21.32 17.59
N LEU A 297 7.34 -20.68 17.16
CA LEU A 297 7.30 -19.23 17.16
C LEU A 297 7.24 -18.64 18.54
N ASP A 298 7.74 -17.42 18.67
CA ASP A 298 7.67 -16.64 19.90
C ASP A 298 6.33 -15.90 19.89
N ILE A 299 5.31 -16.53 20.47
CA ILE A 299 3.97 -15.97 20.60
C ILE A 299 3.60 -16.15 22.04
N THR A 300 3.35 -15.05 22.74
CA THR A 300 3.00 -15.12 24.16
C THR A 300 1.53 -14.83 24.46
N ALA A 301 1.09 -15.18 25.67
CA ALA A 301 -0.28 -14.88 26.08
C ALA A 301 -0.54 -13.37 26.05
N GLU A 302 0.46 -12.58 26.46
CA GLU A 302 0.28 -11.14 26.41
C GLU A 302 0.08 -10.67 24.96
N ASP A 303 0.86 -11.19 24.03
CA ASP A 303 0.66 -10.86 22.61
C ASP A 303 -0.79 -11.10 22.18
N LEU A 304 -1.32 -12.27 22.55
CA LEU A 304 -2.66 -12.63 22.11
C LEU A 304 -3.71 -11.70 22.70
N LYS A 305 -3.49 -11.25 23.93
CA LYS A 305 -4.36 -10.29 24.58
C LYS A 305 -4.34 -8.96 23.87
N ILE A 306 -3.15 -8.52 23.48
CA ILE A 306 -3.02 -7.27 22.72
C ILE A 306 -3.73 -7.37 21.39
N LEU A 307 -3.53 -8.47 20.68
CA LEU A 307 -4.20 -8.68 19.39
C LEU A 307 -5.71 -8.59 19.52
N GLN A 308 -6.27 -9.23 20.55
CA GLN A 308 -7.72 -9.24 20.67
C GLN A 308 -8.29 -7.85 20.98
N ALA A 309 -7.51 -7.02 21.68
CA ALA A 309 -7.93 -5.71 22.11
C ALA A 309 -7.68 -4.60 21.08
N GLY A 310 -6.91 -4.89 20.04
CA GLY A 310 -6.50 -3.89 19.08
C GLY A 310 -6.95 -4.14 17.66
N THR A 311 -8.14 -4.68 17.48
CA THR A 311 -8.68 -4.84 16.16
C THR A 311 -9.05 -3.47 15.56
N VAL A 312 -9.03 -3.43 14.23
CA VAL A 312 -9.05 -2.18 13.49
C VAL A 312 -10.46 -1.64 13.28
N ASP A 313 -10.51 -0.36 12.89
CA ASP A 313 -11.76 0.37 12.66
C ASP A 313 -12.29 0.19 11.23
N TYR A 314 -11.38 -0.02 10.29
CA TYR A 314 -11.73 -0.19 8.89
C TYR A 314 -10.63 -0.97 8.22
N ILE A 315 -10.94 -1.50 7.03
CA ILE A 315 -9.98 -2.21 6.21
C ILE A 315 -9.63 -1.32 5.02
N GLY A 316 -8.41 -0.81 5.06
CA GLY A 316 -7.83 -0.21 3.89
C GLY A 316 -7.27 -1.29 2.98
N PHE A 317 -7.45 -1.15 1.68
CA PHE A 317 -6.87 -2.14 0.79
C PHE A 317 -6.49 -1.58 -0.57
N SER A 318 -5.55 -2.28 -1.20
CA SER A 318 -5.22 -2.04 -2.59
C SER A 318 -5.86 -3.09 -3.47
N TYR A 319 -6.19 -2.69 -4.70
CA TYR A 319 -6.66 -3.63 -5.69
C TYR A 319 -6.03 -3.30 -7.03
N TYR A 320 -5.32 -4.28 -7.61
CA TYR A 320 -4.75 -4.15 -8.93
C TYR A 320 -5.13 -5.30 -9.85
N MSE A 321 -5.28 -6.50 -9.29
CA MSE A 321 -5.30 -7.73 -10.09
C MSE A 321 -5.88 -8.88 -9.28
O MSE A 321 -5.99 -8.78 -8.06
CB MSE A 321 -3.87 -8.11 -10.51
CG MSE A 321 -2.92 -8.46 -9.38
SE MSE A 321 -1.08 -8.37 -9.92
CE MSE A 321 -0.36 -7.43 -8.32
N SER A 322 -6.21 -9.95 -9.96
CA SER A 322 -6.57 -11.24 -9.33
C SER A 322 -5.58 -12.32 -9.79
N PHE A 323 -5.59 -13.44 -9.06
CA PHE A 323 -4.76 -14.62 -9.32
C PHE A 323 -5.67 -15.83 -9.49
N THR A 324 -5.12 -16.90 -10.06
CA THR A 324 -5.77 -18.18 -10.23
C THR A 324 -4.81 -19.28 -9.79
N VAL A 325 -5.37 -20.35 -9.22
CA VAL A 325 -4.60 -21.52 -8.82
C VAL A 325 -5.32 -22.81 -9.23
N LYS A 326 -4.53 -23.86 -9.45
CA LYS A 326 -5.06 -25.22 -9.49
C LYS A 326 -4.39 -26.06 -8.41
N ASP A 327 -5.04 -27.15 -8.01
CA ASP A 327 -4.41 -28.03 -6.99
C ASP A 327 -3.04 -28.50 -7.42
N THR A 328 -2.08 -28.42 -6.50
CA THR A 328 -0.73 -28.88 -6.75
C THR A 328 -0.44 -30.28 -6.15
N GLY A 329 -1.41 -30.82 -5.41
CA GLY A 329 -1.23 -32.07 -4.71
C GLY A 329 -0.96 -31.93 -3.23
N LYS A 330 -0.66 -30.72 -2.78
CA LYS A 330 -0.39 -30.48 -1.38
C LYS A 330 -1.16 -29.23 -0.94
N LEU A 331 -1.92 -29.34 0.15
CA LEU A 331 -2.79 -28.21 0.59
C LEU A 331 -1.99 -27.21 1.42
N ALA A 332 -1.14 -26.50 0.72
CA ALA A 332 -0.29 -25.43 1.29
C ALA A 332 0.06 -24.55 0.11
N TYR A 333 -0.21 -23.27 0.24
CA TYR A 333 -0.04 -22.32 -0.85
C TYR A 333 1.30 -21.60 -0.82
N ASN A 334 2.02 -21.71 -1.93
CA ASN A 334 3.28 -21.05 -2.10
C ASN A 334 3.16 -20.15 -3.30
N GLU A 335 2.98 -18.86 -3.04
CA GLU A 335 2.68 -17.88 -4.08
C GLU A 335 3.76 -17.76 -5.16
N GLU A 336 5.02 -18.02 -4.80
CA GLU A 336 6.09 -17.93 -5.79
C GLU A 336 5.99 -18.99 -6.88
N HIS A 337 5.33 -20.11 -6.59
CA HIS A 337 5.29 -21.25 -7.51
C HIS A 337 3.92 -21.73 -7.97
N ASP A 338 2.85 -21.38 -7.24
CA ASP A 338 1.57 -22.04 -7.37
C ASP A 338 0.52 -21.29 -8.18
N LEU A 339 0.86 -20.14 -8.73
CA LEU A 339 -0.10 -19.40 -9.57
C LEU A 339 -0.08 -19.88 -11.01
N VAL A 340 -1.26 -19.81 -11.64
CA VAL A 340 -1.38 -20.01 -13.07
C VAL A 340 -2.06 -18.77 -13.67
N LYS A 341 -1.73 -18.45 -14.92
CA LYS A 341 -2.35 -17.30 -15.56
C LYS A 341 -3.81 -17.61 -15.80
N ASN A 342 -4.68 -16.63 -15.57
CA ASN A 342 -6.12 -16.76 -15.81
C ASN A 342 -6.38 -16.55 -17.28
N PRO A 343 -6.87 -17.59 -17.98
CA PRO A 343 -7.03 -17.46 -19.43
C PRO A 343 -8.20 -16.58 -19.89
N TYR A 344 -9.03 -16.11 -18.96
N TYR A 344 -9.00 -16.11 -18.92
CA TYR A 344 -10.19 -15.27 -19.27
CA TYR A 344 -10.21 -15.36 -19.17
C TYR A 344 -9.94 -13.79 -19.30
C TYR A 344 -10.02 -13.83 -18.99
N VAL A 345 -8.77 -13.38 -18.82
CA VAL A 345 -8.46 -11.95 -18.66
C VAL A 345 -7.17 -11.57 -19.37
N LYS A 346 -7.04 -10.27 -19.62
CA LYS A 346 -5.82 -9.71 -20.18
C LYS A 346 -4.88 -9.23 -19.08
N ALA A 347 -3.70 -8.80 -19.45
CA ALA A 347 -2.71 -8.35 -18.50
C ALA A 347 -2.00 -7.09 -18.96
N SER A 348 -1.47 -6.34 -17.99
CA SER A 348 -0.67 -5.16 -18.29
C SER A 348 0.70 -5.55 -18.87
N ASP A 349 1.45 -4.53 -19.24
CA ASP A 349 2.79 -4.76 -19.78
C ASP A 349 3.82 -5.22 -18.75
N TRP A 350 3.44 -5.24 -17.48
CA TRP A 350 4.26 -5.78 -16.41
C TRP A 350 3.68 -7.13 -15.90
N GLY A 351 2.68 -7.64 -16.63
CA GLY A 351 2.07 -8.93 -16.36
C GLY A 351 0.98 -8.97 -15.31
N TRP A 352 0.46 -7.80 -14.95
CA TRP A 352 -0.58 -7.73 -13.92
C TRP A 352 -1.96 -7.91 -14.54
N GLN A 353 -2.69 -8.93 -14.10
N GLN A 353 -2.67 -8.98 -14.21
CA GLN A 353 -3.99 -9.28 -14.68
CA GLN A 353 -3.92 -9.24 -14.94
C GLN A 353 -5.01 -8.16 -14.47
C GLN A 353 -5.05 -8.33 -14.50
N VAL A 354 -5.77 -7.88 -15.53
CA VAL A 354 -6.81 -6.86 -15.45
C VAL A 354 -8.18 -7.53 -15.21
N ASP A 355 -8.72 -7.31 -14.02
CA ASP A 355 -9.94 -8.00 -13.58
C ASP A 355 -10.78 -7.09 -12.68
N PRO A 356 -11.54 -6.18 -13.29
CA PRO A 356 -12.36 -5.29 -12.47
C PRO A 356 -13.48 -6.00 -11.70
N VAL A 357 -14.07 -7.05 -12.27
CA VAL A 357 -15.15 -7.78 -11.57
C VAL A 357 -14.64 -8.34 -10.24
N GLY A 358 -13.38 -8.77 -10.23
CA GLY A 358 -12.74 -9.26 -9.03
C GLY A 358 -12.73 -8.28 -7.87
N LEU A 359 -12.81 -6.98 -8.17
CA LEU A 359 -12.90 -5.97 -7.11
C LEU A 359 -14.29 -6.01 -6.46
N ARG A 360 -15.36 -6.20 -7.24
CA ARG A 360 -16.67 -6.41 -6.63
C ARG A 360 -16.68 -7.68 -5.77
N TYR A 361 -16.11 -8.78 -6.28
CA TYR A 361 -15.94 -10.01 -5.50
C TYR A 361 -15.24 -9.68 -4.17
N ALA A 362 -14.11 -9.02 -4.27
CA ALA A 362 -13.27 -8.72 -3.11
C ALA A 362 -14.03 -7.91 -2.07
N MSE A 363 -14.78 -6.92 -2.50
CA MSE A 363 -15.54 -6.08 -1.57
C MSE A 363 -16.60 -6.88 -0.82
O MSE A 363 -16.81 -6.69 0.37
CB MSE A 363 -16.12 -4.87 -2.32
CG MSE A 363 -15.02 -3.90 -2.78
SE MSE A 363 -15.63 -2.58 -4.07
CE MSE A 363 -16.65 -1.46 -2.87
N ASN A 364 -17.27 -7.80 -1.54
CA ASN A 364 -18.20 -8.71 -0.88
C ASN A 364 -17.48 -9.68 0.05
N TRP A 365 -16.30 -10.14 -0.34
CA TRP A 365 -15.53 -11.08 0.47
C TRP A 365 -15.17 -10.46 1.84
N PHE A 366 -14.60 -9.24 1.80
CA PHE A 366 -14.26 -8.55 3.05
C PHE A 366 -15.54 -8.24 3.87
N THR A 367 -16.62 -7.79 3.22
CA THR A 367 -17.80 -7.40 3.93
C THR A 367 -18.38 -8.58 4.68
N ASP A 368 -18.53 -9.71 4.00
CA ASP A 368 -19.21 -10.85 4.61
C ASP A 368 -18.38 -11.54 5.69
N ARG A 369 -17.05 -11.40 5.63
CA ARG A 369 -16.16 -12.02 6.60
C ARG A 369 -16.00 -11.17 7.87
N TYR A 370 -15.97 -9.84 7.69
CA TYR A 370 -15.55 -8.93 8.75
C TYR A 370 -16.58 -7.87 9.18
N HIS A 371 -17.50 -7.50 8.28
CA HIS A 371 -18.51 -6.47 8.60
C HIS A 371 -17.92 -5.15 9.13
N LEU A 372 -16.86 -4.71 8.46
CA LEU A 372 -16.22 -3.43 8.73
C LEU A 372 -16.27 -2.55 7.50
N PRO A 373 -16.20 -1.23 7.70
CA PRO A 373 -16.04 -0.34 6.57
C PRO A 373 -14.73 -0.59 5.84
N LEU A 374 -14.74 -0.32 4.54
CA LEU A 374 -13.59 -0.47 3.67
C LEU A 374 -13.16 0.90 3.14
N PHE A 375 -11.87 0.98 2.73
CA PHE A 375 -11.35 2.18 2.10
C PHE A 375 -10.41 1.66 1.01
N ILE A 376 -10.73 1.96 -0.26
CA ILE A 376 -9.84 1.57 -1.36
C ILE A 376 -8.78 2.64 -1.46
N VAL A 377 -7.58 2.28 -1.02
CA VAL A 377 -6.52 3.26 -0.89
C VAL A 377 -5.43 3.10 -1.95
N GLU A 378 -5.57 2.13 -2.84
CA GLU A 378 -4.77 2.04 -4.06
C GLU A 378 -5.57 1.31 -5.11
N ASN A 379 -5.47 1.80 -6.33
CA ASN A 379 -6.02 1.15 -7.54
C ASN A 379 -5.38 1.89 -8.70
N GLY A 380 -4.99 1.20 -9.74
CA GLY A 380 -4.44 1.87 -10.88
C GLY A 380 -3.78 0.96 -11.89
N LEU A 381 -3.45 1.54 -13.04
CA LEU A 381 -2.80 0.86 -14.14
C LEU A 381 -1.45 1.48 -14.42
N GLY A 382 -0.39 0.69 -14.20
CA GLY A 382 0.97 1.04 -14.57
C GLY A 382 1.13 0.79 -16.06
N ALA A 383 1.47 1.83 -16.80
CA ALA A 383 1.50 1.75 -18.26
C ALA A 383 2.48 2.77 -18.83
N ILE A 384 2.99 2.47 -20.02
CA ILE A 384 3.81 3.40 -20.80
C ILE A 384 2.97 4.58 -21.25
N ASP A 385 3.47 5.80 -21.05
CA ASP A 385 2.87 6.99 -21.68
C ASP A 385 3.85 7.58 -22.67
N LYS A 386 3.29 8.13 -23.74
CA LYS A 386 4.04 8.95 -24.69
C LYS A 386 3.50 10.38 -24.62
N LYS A 387 4.36 11.33 -24.30
CA LYS A 387 3.99 12.71 -24.26
C LYS A 387 4.22 13.28 -25.64
N THR A 388 3.21 13.96 -26.16
CA THR A 388 3.31 14.51 -27.51
C THR A 388 4.15 15.77 -27.57
N ALA A 389 4.38 16.22 -28.79
CA ALA A 389 5.14 17.44 -29.00
C ALA A 389 4.53 18.64 -28.31
N ASP A 390 3.20 18.68 -28.26
N ASP A 390 3.20 18.68 -28.24
CA ASP A 390 2.48 19.78 -27.61
CA ASP A 390 2.50 19.78 -27.60
C ASP A 390 2.14 19.43 -26.16
C ASP A 390 2.19 19.48 -26.14
N ASN A 391 2.90 18.50 -25.58
CA ASN A 391 2.87 18.18 -24.17
C ASN A 391 1.59 17.60 -23.65
N GLN A 392 0.87 16.89 -24.53
N GLN A 392 0.88 16.88 -24.52
CA GLN A 392 -0.33 16.16 -24.13
CA GLN A 392 -0.33 16.19 -24.10
C GLN A 392 -0.01 14.69 -23.87
C GLN A 392 -0.03 14.70 -23.89
N ILE A 393 -0.84 14.06 -23.06
CA ILE A 393 -0.71 12.63 -22.81
C ILE A 393 -2.09 12.00 -22.95
N HIS A 394 -2.28 11.23 -23.99
CA HIS A 394 -3.62 10.68 -24.34
C HIS A 394 -3.73 9.28 -23.74
N ASP A 395 -3.97 9.24 -22.44
CA ASP A 395 -3.96 7.99 -21.68
C ASP A 395 -5.32 7.35 -21.56
N ASP A 396 -5.93 7.10 -22.72
CA ASP A 396 -7.24 6.47 -22.72
C ASP A 396 -7.22 5.07 -22.08
N TYR A 397 -6.08 4.38 -22.14
CA TYR A 397 -5.92 3.04 -21.55
C TYR A 397 -6.07 3.11 -20.04
N ARG A 398 -5.60 4.21 -19.45
CA ARG A 398 -5.64 4.37 -18.00
C ARG A 398 -7.05 4.80 -17.57
N ILE A 399 -7.65 5.69 -18.32
CA ILE A 399 -9.05 6.07 -18.09
C ILE A 399 -9.96 4.83 -18.14
N ASP A 400 -9.73 3.97 -19.13
CA ASP A 400 -10.55 2.78 -19.32
C ASP A 400 -10.43 1.83 -18.11
N TYR A 401 -9.20 1.57 -17.68
CA TYR A 401 -8.99 0.71 -16.52
C TYR A 401 -9.71 1.29 -15.30
N LEU A 402 -9.49 2.57 -15.04
CA LEU A 402 -10.08 3.17 -13.83
C LEU A 402 -11.61 3.23 -13.91
N THR A 403 -12.15 3.54 -15.08
CA THR A 403 -13.60 3.56 -15.28
C THR A 403 -14.20 2.16 -15.02
N ASP A 404 -13.56 1.12 -15.57
CA ASP A 404 -14.06 -0.23 -15.41
C ASP A 404 -14.06 -0.67 -13.97
N HIS A 405 -13.02 -0.28 -13.21
CA HIS A 405 -12.98 -0.60 -11.81
C HIS A 405 -14.01 0.21 -11.03
N LEU A 406 -14.14 1.50 -11.32
CA LEU A 406 -15.16 2.30 -10.66
C LEU A 406 -16.58 1.80 -10.90
N ARG A 407 -16.86 1.23 -12.08
CA ARG A 407 -18.17 0.67 -12.34
C ARG A 407 -18.46 -0.45 -11.34
N GLN A 408 -17.48 -1.33 -11.14
CA GLN A 408 -17.65 -2.45 -10.22
C GLN A 408 -17.75 -1.99 -8.77
N ILE A 409 -16.96 -0.97 -8.41
CA ILE A 409 -17.05 -0.37 -7.08
C ILE A 409 -18.44 0.21 -6.85
N LYS A 410 -18.93 0.92 -7.85
CA LYS A 410 -20.24 1.54 -7.76
C LYS A 410 -21.36 0.50 -7.60
N LEU A 411 -21.27 -0.61 -8.33
CA LEU A 411 -22.20 -1.69 -8.14
C LEU A 411 -22.13 -2.26 -6.74
N ALA A 412 -20.91 -2.45 -6.23
CA ALA A 412 -20.75 -3.00 -4.90
C ALA A 412 -21.34 -2.07 -3.82
N VAL A 413 -21.21 -0.76 -4.00
CA VAL A 413 -21.75 0.20 -3.04
C VAL A 413 -23.29 0.32 -3.19
N LEU A 414 -23.77 0.59 -4.41
CA LEU A 414 -25.20 0.86 -4.60
C LEU A 414 -26.11 -0.34 -4.56
N GLU A 415 -25.65 -1.45 -5.14
CA GLU A 415 -26.44 -2.66 -5.19
C GLU A 415 -26.10 -3.59 -4.04
N ASP A 416 -24.81 -3.87 -3.82
CA ASP A 416 -24.45 -4.84 -2.79
C ASP A 416 -24.43 -4.22 -1.40
N GLY A 417 -24.45 -2.88 -1.30
CA GLY A 417 -24.51 -2.23 0.00
C GLY A 417 -23.22 -2.29 0.81
N VAL A 418 -22.08 -2.40 0.13
CA VAL A 418 -20.79 -2.35 0.82
C VAL A 418 -20.55 -0.93 1.36
N ASP A 419 -20.01 -0.86 2.57
CA ASP A 419 -19.70 0.38 3.27
C ASP A 419 -18.29 0.83 2.85
N LEU A 420 -18.21 1.83 2.01
CA LEU A 420 -16.92 2.29 1.43
C LEU A 420 -16.69 3.76 1.80
N ILE A 421 -15.56 4.00 2.46
CA ILE A 421 -15.22 5.34 2.93
C ILE A 421 -14.77 6.28 1.81
N GLY A 422 -14.00 5.73 0.88
CA GLY A 422 -13.44 6.54 -0.18
C GLY A 422 -12.64 5.70 -1.16
N TYR A 423 -11.98 6.41 -2.08
CA TYR A 423 -11.31 5.80 -3.21
C TYR A 423 -10.16 6.72 -3.63
N THR A 424 -8.94 6.21 -3.55
CA THR A 424 -7.75 6.95 -3.91
C THR A 424 -6.87 6.18 -4.88
N PRO A 425 -6.96 6.53 -6.17
CA PRO A 425 -6.05 5.91 -7.14
C PRO A 425 -4.59 6.05 -6.76
N TRP A 426 -3.83 5.01 -7.06
CA TRP A 426 -2.40 4.97 -6.77
C TRP A 426 -1.61 5.80 -7.75
N GLY A 427 -0.58 6.45 -7.22
CA GLY A 427 0.45 7.05 -8.06
C GLY A 427 -0.14 8.21 -8.82
N CYS A 428 -0.98 9.02 -8.16
CA CYS A 428 -1.73 10.08 -8.82
C CYS A 428 -0.84 11.13 -9.50
N ILE A 429 0.36 11.31 -8.98
CA ILE A 429 1.42 12.00 -9.70
C ILE A 429 2.44 10.90 -10.00
N ASP A 430 2.97 10.88 -11.23
CA ASP A 430 3.92 9.82 -11.63
C ASP A 430 5.06 9.77 -10.61
N LEU A 431 5.38 8.57 -10.17
CA LEU A 431 6.40 8.35 -9.15
C LEU A 431 7.21 7.10 -9.39
N VAL A 432 8.16 6.82 -8.50
CA VAL A 432 9.08 5.71 -8.73
C VAL A 432 8.39 4.39 -8.40
N ALA A 433 8.31 3.48 -9.37
CA ALA A 433 7.67 2.21 -9.13
C ALA A 433 8.38 1.39 -8.06
N ALA A 434 7.62 0.64 -7.29
CA ALA A 434 8.18 -0.18 -6.21
C ALA A 434 8.91 -1.42 -6.71
N SER A 435 8.22 -2.17 -7.53
CA SER A 435 8.75 -3.43 -8.04
C SER A 435 10.08 -3.26 -8.79
N THR A 436 10.18 -2.21 -9.61
CA THR A 436 11.29 -2.08 -10.52
C THR A 436 12.12 -0.79 -10.35
N GLY A 437 11.58 0.21 -9.65
CA GLY A 437 12.26 1.48 -9.55
C GLY A 437 12.16 2.33 -10.80
N GLN A 438 11.34 1.92 -11.74
CA GLN A 438 11.15 2.64 -13.00
C GLN A 438 10.20 3.82 -12.87
N MSE A 439 10.57 4.93 -13.52
CA MSE A 439 9.59 5.99 -13.83
C MSE A 439 8.67 5.60 -14.96
O MSE A 439 7.56 6.12 -15.04
CB MSE A 439 10.31 7.27 -14.23
CG MSE A 439 11.00 7.99 -13.11
SE MSE A 439 9.77 8.68 -11.74
CE MSE A 439 8.51 9.73 -12.83
N SER A 440 9.12 4.75 -15.87
CA SER A 440 8.34 4.44 -17.09
C SER A 440 7.08 3.64 -16.82
N LYS A 441 6.99 2.99 -15.66
CA LYS A 441 5.75 2.30 -15.26
C LYS A 441 4.89 3.36 -14.62
N ARG A 442 4.14 4.10 -15.43
CA ARG A 442 3.46 5.31 -14.95
C ARG A 442 2.05 5.01 -14.50
N TYR A 443 1.64 5.61 -13.38
CA TYR A 443 0.29 5.47 -12.85
C TYR A 443 -0.49 6.77 -12.90
N GLY A 444 0.19 7.90 -13.08
CA GLY A 444 -0.41 9.17 -12.69
C GLY A 444 -1.49 9.76 -13.57
N PHE A 445 -2.21 10.72 -12.97
CA PHE A 445 -2.99 11.71 -13.70
C PHE A 445 -2.11 12.86 -14.16
N ILE A 446 -0.97 13.01 -13.52
CA ILE A 446 0.01 14.09 -13.77
C ILE A 446 1.31 13.41 -14.21
N TYR A 447 1.72 13.70 -15.44
CA TYR A 447 2.97 13.22 -16.01
C TYR A 447 4.14 14.02 -15.43
N VAL A 448 5.17 13.30 -15.02
CA VAL A 448 6.43 13.91 -14.58
C VAL A 448 7.53 13.59 -15.57
N ASP A 449 8.15 14.63 -16.11
CA ASP A 449 9.22 14.48 -17.11
C ASP A 449 10.54 14.04 -16.48
N GLU A 450 10.55 12.79 -16.07
CA GLU A 450 11.75 12.11 -15.58
C GLU A 450 11.74 10.71 -16.17
N ASN A 451 12.90 10.32 -16.71
CA ASN A 451 13.09 9.05 -17.38
C ASN A 451 13.64 8.00 -16.44
N ASP A 452 13.73 6.76 -16.91
CA ASP A 452 14.16 5.68 -16.04
C ASP A 452 15.56 5.88 -15.50
N ASP A 453 16.41 6.60 -16.26
CA ASP A 453 17.77 6.89 -15.81
C ASP A 453 17.93 8.14 -14.94
N GLY A 454 16.79 8.74 -14.58
CA GLY A 454 16.77 9.93 -13.76
C GLY A 454 16.84 11.25 -14.48
N SER A 455 17.12 11.22 -15.79
CA SER A 455 17.22 12.45 -16.57
C SER A 455 15.85 13.06 -16.82
N GLY A 456 15.82 14.34 -17.18
CA GLY A 456 14.61 15.04 -17.53
C GLY A 456 14.47 16.30 -16.70
N SER A 457 13.55 17.15 -17.11
CA SER A 457 13.31 18.45 -16.47
C SER A 457 12.55 18.41 -15.16
N LEU A 458 11.89 17.28 -14.92
CA LEU A 458 10.99 17.09 -13.78
C LEU A 458 9.73 17.94 -13.85
N LYS A 459 9.47 18.57 -14.98
CA LYS A 459 8.20 19.32 -15.14
C LYS A 459 6.99 18.40 -15.09
N ARG A 460 5.91 18.96 -14.56
CA ARG A 460 4.62 18.30 -14.46
C ARG A 460 3.66 18.75 -15.56
N TYR A 461 2.94 17.77 -16.15
CA TYR A 461 1.96 18.03 -17.18
C TYR A 461 0.70 17.25 -16.90
N LYS A 462 -0.46 17.86 -17.17
CA LYS A 462 -1.73 17.17 -16.97
C LYS A 462 -1.99 16.15 -18.08
N LYS A 463 -2.25 14.90 -17.71
CA LYS A 463 -2.64 13.90 -18.71
C LYS A 463 -4.15 14.04 -18.96
N ASP A 464 -4.66 13.41 -20.02
CA ASP A 464 -6.10 13.41 -20.26
C ASP A 464 -6.88 12.84 -19.06
N SER A 465 -6.30 11.86 -18.37
CA SER A 465 -6.98 11.27 -17.20
C SER A 465 -7.21 12.27 -16.05
N PHE A 466 -6.39 13.31 -15.97
CA PHE A 466 -6.58 14.37 -14.97
C PHE A 466 -7.96 14.98 -15.12
N THR A 467 -8.33 15.37 -16.34
CA THR A 467 -9.64 15.97 -16.57
C THR A 467 -10.76 14.97 -16.34
N TRP A 468 -10.55 13.72 -16.75
CA TRP A 468 -11.50 12.66 -16.47
C TRP A 468 -11.80 12.51 -14.98
N PHE A 469 -10.76 12.41 -14.16
CA PHE A 469 -10.96 12.18 -12.72
C PHE A 469 -11.54 13.42 -12.05
N GLN A 470 -11.11 14.60 -12.49
CA GLN A 470 -11.68 15.85 -11.99
C GLN A 470 -13.21 15.85 -12.16
N HIS A 471 -13.67 15.38 -13.31
CA HIS A 471 -15.09 15.32 -13.59
C HIS A 471 -15.79 14.21 -12.79
N VAL A 472 -15.13 13.07 -12.57
CA VAL A 472 -15.68 12.05 -11.67
C VAL A 472 -15.91 12.64 -10.28
N ILE A 473 -14.92 13.33 -9.75
CA ILE A 473 -15.07 13.93 -8.43
C ILE A 473 -16.20 14.97 -8.40
N ALA A 474 -16.22 15.83 -9.41
CA ALA A 474 -17.21 16.91 -9.44
C ALA A 474 -18.63 16.39 -9.49
N THR A 475 -18.83 15.22 -10.07
CA THR A 475 -20.16 14.62 -10.23
C THR A 475 -20.40 13.50 -9.20
N ASN A 476 -19.49 13.37 -8.25
CA ASN A 476 -19.53 12.32 -7.24
C ASN A 476 -19.78 10.95 -7.87
N GLY A 477 -19.14 10.70 -9.00
CA GLY A 477 -19.27 9.42 -9.68
C GLY A 477 -20.61 9.12 -10.32
N ALA A 478 -21.47 10.11 -10.44
CA ALA A 478 -22.83 9.86 -10.93
C ALA A 478 -22.93 9.35 -12.34
N GLU A 479 -21.99 9.75 -13.21
CA GLU A 479 -22.08 9.39 -14.61
C GLU A 479 -21.56 8.00 -14.94
N ILE A 480 -20.88 7.37 -13.99
N ILE A 480 -20.89 7.37 -13.99
CA ILE A 480 -20.30 6.05 -14.20
CA ILE A 480 -20.34 6.06 -14.23
C ILE A 480 -21.45 5.05 -14.38
C ILE A 480 -21.46 5.05 -14.39
N GLU A 481 -21.37 4.26 -15.45
CA GLU A 481 -22.38 3.28 -15.76
C GLU A 481 -21.71 2.12 -16.49
C2 BGC B . 2.34 -7.75 -4.40
C3 BGC B . 0.90 -7.31 -4.29
C4 BGC B . 0.89 -5.80 -4.17
C5 BGC B . 1.66 -5.20 -5.35
C6 BGC B . 1.77 -3.67 -5.22
C1 BGC B . 2.99 -7.10 -5.62
O1 BGC B . 4.35 -7.52 -5.59
O2 BGC B . 2.35 -9.18 -4.51
O3 BGC B . 0.36 -7.97 -3.15
O4 BGC B . -0.44 -5.33 -4.19
O5 BGC B . 2.97 -5.71 -5.35
O6 BGC B . 2.57 -3.26 -4.10
P PO4 C . 4.48 -1.02 -8.48
O1 PO4 C . 3.83 -1.07 -9.81
O2 PO4 C . 5.59 -2.03 -8.52
O3 PO4 C . 4.88 0.34 -8.02
O4 PO4 C . 3.49 -1.52 -7.38
P PO4 D . 20.05 -21.02 1.46
O1 PO4 D . 20.03 -19.98 0.36
O2 PO4 D . 21.48 -21.37 1.82
O3 PO4 D . 19.40 -20.55 2.72
O4 PO4 D . 19.30 -22.25 0.99
P PO4 E . 23.20 10.33 -4.33
O1 PO4 E . 22.62 8.95 -4.62
O2 PO4 E . 23.20 10.70 -2.90
O3 PO4 E . 24.64 10.30 -4.86
O4 PO4 E . 22.50 11.33 -5.21
P PO4 F . 9.13 -23.24 -10.92
O1 PO4 F . 8.87 -23.73 -12.33
O2 PO4 F . 10.32 -22.30 -10.84
O3 PO4 F . 7.91 -22.50 -10.41
O4 PO4 F . 9.42 -24.45 -10.04
C ACT G . -15.54 -17.36 0.86
O ACT G . -16.05 -16.81 -0.16
OXT ACT G . -14.88 -18.42 0.70
CH3 ACT G . -15.74 -16.76 2.21
#